data_5L4F
#
_entry.id   5L4F
#
_cell.length_a   43.156
_cell.length_b   85.710
_cell.length_c   64.982
_cell.angle_alpha   90.00
_cell.angle_beta   90.00
_cell.angle_gamma   90.00
#
_symmetry.space_group_name_H-M   'P 21 21 2'
#
loop_
_entity.id
_entity.type
_entity.pdbx_description
1 polymer Transthyretin
2 non-polymer 2,6-Dinitro-p-cresol
3 non-polymer 'SODIUM ION'
4 water water
#
_entity_poly.entity_id   1
_entity_poly.type   'polypeptide(L)'
_entity_poly.pdbx_seq_one_letter_code
;GPTGTGESKCPLMVKVLDAVRGSPAINVAVHVFRKAADDTWEPFASGKTSESGELHGLTTEEEFVEGIYKVEIDTKSYWK
ALGISPFHEHAEVVFTANDSGPRRYTIAALLSPYSYSTTAVVTNPKE
;
_entity_poly.pdbx_strand_id   A,B
#
loop_
_chem_comp.id
_chem_comp.type
_chem_comp.name
_chem_comp.formula
6J1 non-polymer 2,6-Dinitro-p-cresol 'C7 H6 N2 O5'
NA non-polymer 'SODIUM ION' 'Na 1'
#
# COMPACT_ATOMS: atom_id res chain seq x y z
N CYS A 10 17.83 15.82 6.73
CA CYS A 10 16.48 15.71 6.19
C CYS A 10 15.65 14.81 7.09
N PRO A 11 14.41 15.20 7.38
CA PRO A 11 13.55 14.40 8.27
C PRO A 11 12.72 13.33 7.58
N LEU A 12 12.88 13.10 6.28
CA LEU A 12 12.11 12.08 5.55
C LEU A 12 13.04 11.41 4.57
N MET A 13 13.24 10.10 4.73
CA MET A 13 14.06 9.32 3.80
C MET A 13 13.27 8.09 3.37
N VAL A 14 13.50 7.65 2.13
CA VAL A 14 12.84 6.46 1.58
C VAL A 14 13.91 5.49 1.10
N LYS A 15 13.78 4.22 1.47
CA LYS A 15 14.74 3.15 1.11
C LYS A 15 13.97 1.98 0.52
N VAL A 16 14.42 1.46 -0.62
CA VAL A 16 13.71 0.42 -1.34
C VAL A 16 14.71 -0.67 -1.72
N LEU A 17 14.34 -1.91 -1.43
CA LEU A 17 15.13 -3.09 -1.75
C LEU A 17 14.35 -4.02 -2.70
N ASP A 18 15.11 -4.82 -3.45
CA ASP A 18 14.59 -5.79 -4.43
C ASP A 18 14.83 -7.22 -3.93
N ALA A 19 13.74 -7.94 -3.66
CA ALA A 19 13.81 -9.28 -3.10
C ALA A 19 14.04 -10.36 -4.15
N VAL A 20 13.96 -10.02 -5.43
CA VAL A 20 14.28 -10.95 -6.52
C VAL A 20 15.77 -10.98 -6.80
N ARG A 21 16.42 -9.82 -6.80
CA ARG A 21 17.83 -9.68 -7.13
C ARG A 21 18.74 -9.65 -5.91
N GLY A 22 18.21 -9.45 -4.71
CA GLY A 22 19.04 -9.29 -3.53
C GLY A 22 19.91 -8.06 -3.62
N SER A 23 19.30 -6.91 -3.90
CA SER A 23 20.04 -5.69 -4.19
C SER A 23 19.17 -4.50 -3.80
N PRO A 24 19.75 -3.31 -3.70
CA PRO A 24 18.91 -2.11 -3.67
C PRO A 24 18.05 -2.02 -4.92
N ALA A 25 16.89 -1.41 -4.78
CA ALA A 25 16.03 -1.10 -5.92
C ALA A 25 16.41 0.30 -6.42
N ILE A 26 17.10 0.36 -7.54
CA ILE A 26 17.71 1.60 -8.01
C ILE A 26 16.77 2.27 -9.01
N ASN A 27 16.76 3.61 -8.98
N ASN A 27 16.77 3.61 -9.00
CA ASN A 27 16.00 4.41 -9.93
CA ASN A 27 15.98 4.38 -9.96
C ASN A 27 14.49 4.23 -9.80
C ASN A 27 14.49 4.11 -9.82
N VAL A 28 14.02 3.98 -8.58
CA VAL A 28 12.58 3.90 -8.29
C VAL A 28 12.06 5.32 -8.09
N ALA A 29 11.06 5.70 -8.88
CA ALA A 29 10.42 7.00 -8.71
C ALA A 29 9.55 6.99 -7.48
N VAL A 30 9.60 8.08 -6.71
CA VAL A 30 8.83 8.30 -5.48
C VAL A 30 8.18 9.68 -5.52
N HIS A 31 6.87 9.73 -5.30
CA HIS A 31 6.13 10.98 -5.22
C HIS A 31 5.50 11.11 -3.84
N VAL A 32 5.73 12.23 -3.18
CA VAL A 32 5.16 12.50 -1.87
C VAL A 32 4.08 13.56 -2.00
N PHE A 33 2.97 13.34 -1.31
CA PHE A 33 1.83 14.25 -1.28
C PHE A 33 1.47 14.54 0.16
N ARG A 34 0.81 15.70 0.37
CA ARG A 34 0.34 16.11 1.69
C ARG A 34 -1.10 16.52 1.56
N LYS A 35 -1.93 16.07 2.49
CA LYS A 35 -3.35 16.36 2.43
C LYS A 35 -3.59 17.84 2.75
N ALA A 36 -4.29 18.52 1.85
CA ALA A 36 -4.57 19.94 2.01
C ALA A 36 -5.87 20.16 2.78
N ALA A 37 -6.15 21.44 3.08
CA ALA A 37 -7.28 21.79 3.93
C ALA A 37 -8.59 21.39 3.28
N ASP A 38 -8.61 21.30 1.95
CA ASP A 38 -9.78 20.87 1.20
C ASP A 38 -9.79 19.37 0.96
N ASP A 39 -8.95 18.63 1.65
CA ASP A 39 -8.98 17.17 1.57
C ASP A 39 -8.46 16.59 0.25
N THR A 40 -7.75 17.39 -0.53
CA THR A 40 -7.08 16.86 -1.72
C THR A 40 -5.61 16.57 -1.41
N TRP A 41 -5.01 15.68 -2.22
CA TRP A 41 -3.58 15.37 -2.12
C TRP A 41 -2.77 16.39 -2.92
N GLU A 42 -2.08 17.23 -2.23
CA GLU A 42 -1.26 18.24 -2.87
C GLU A 42 0.16 17.69 -3.09
N PRO A 43 0.76 17.87 -4.26
CA PRO A 43 2.15 17.46 -4.45
C PRO A 43 3.06 18.16 -3.46
N PHE A 44 3.95 17.39 -2.85
CA PHE A 44 4.84 17.87 -1.80
C PHE A 44 6.31 17.78 -2.17
N ALA A 45 6.77 16.63 -2.67
CA ALA A 45 8.16 16.45 -3.09
C ALA A 45 8.19 15.17 -3.93
N SER A 46 9.23 15.06 -4.75
CA SER A 46 9.44 13.80 -5.49
C SER A 46 10.93 13.62 -5.75
N GLY A 47 11.27 12.39 -6.15
CA GLY A 47 12.65 12.05 -6.49
C GLY A 47 12.74 10.59 -6.89
N LYS A 48 13.97 10.10 -6.99
CA LYS A 48 14.19 8.70 -7.33
C LYS A 48 15.32 8.13 -6.48
N THR A 49 15.24 6.83 -6.21
CA THR A 49 16.26 6.18 -5.40
C THR A 49 17.59 6.09 -6.15
N SER A 50 18.66 6.18 -5.38
CA SER A 50 20.02 6.18 -5.86
C SER A 50 20.52 4.75 -5.99
N GLU A 51 21.81 4.61 -6.28
N GLU A 51 21.82 4.61 -6.25
CA GLU A 51 22.39 3.27 -6.43
CA GLU A 51 22.39 3.28 -6.43
C GLU A 51 22.35 2.47 -5.13
C GLU A 51 22.39 2.48 -5.14
N SER A 52 22.22 3.13 -3.99
CA SER A 52 22.07 2.47 -2.69
C SER A 52 20.63 2.11 -2.34
N GLY A 53 19.68 2.42 -3.23
CA GLY A 53 18.26 2.26 -2.93
C GLY A 53 17.65 3.33 -2.06
N GLU A 54 18.39 4.39 -1.76
CA GLU A 54 17.94 5.44 -0.85
C GLU A 54 17.64 6.71 -1.60
N LEU A 55 16.66 7.43 -1.09
CA LEU A 55 16.24 8.73 -1.61
C LEU A 55 16.34 9.70 -0.45
N HIS A 56 17.31 10.61 -0.53
CA HIS A 56 17.58 11.64 0.47
C HIS A 56 17.19 13.01 -0.07
N GLY A 57 17.06 13.96 0.84
CA GLY A 57 16.88 15.36 0.45
C GLY A 57 15.51 15.77 -0.03
N LEU A 58 14.48 14.95 0.22
CA LEU A 58 13.14 15.29 -0.23
C LEU A 58 12.63 16.60 0.37
N THR A 59 12.95 16.90 1.63
CA THR A 59 12.35 18.05 2.31
C THR A 59 13.29 18.57 3.39
N THR A 60 12.82 19.59 4.13
CA THR A 60 13.57 20.21 5.22
C THR A 60 12.74 20.16 6.49
N GLU A 61 13.40 20.36 7.63
CA GLU A 61 12.65 20.45 8.87
C GLU A 61 11.61 21.57 8.84
N GLU A 62 11.93 22.71 8.20
CA GLU A 62 10.98 23.82 8.18
C GLU A 62 9.75 23.49 7.33
N GLU A 63 9.92 22.88 6.16
N GLU A 63 9.97 22.86 6.18
CA GLU A 63 8.80 22.63 5.28
CA GLU A 63 8.90 22.57 5.23
C GLU A 63 8.01 21.36 5.62
C GLU A 63 8.02 21.43 5.73
N PHE A 64 8.60 20.44 6.38
CA PHE A 64 7.91 19.19 6.76
C PHE A 64 7.11 19.39 8.05
N VAL A 65 6.02 20.16 7.91
CA VAL A 65 5.11 20.48 9.02
C VAL A 65 4.20 19.30 9.36
N GLU A 66 3.46 19.43 10.44
CA GLU A 66 2.39 18.48 10.73
C GLU A 66 1.50 18.26 9.51
N GLY A 67 1.02 17.04 9.35
CA GLY A 67 0.08 16.75 8.28
C GLY A 67 -0.04 15.25 8.05
N ILE A 68 -0.92 14.93 7.11
CA ILE A 68 -1.08 13.57 6.61
C ILE A 68 -0.36 13.49 5.27
N TYR A 69 0.61 12.59 5.18
CA TYR A 69 1.47 12.46 4.02
C TYR A 69 1.25 11.12 3.35
N LYS A 70 1.40 11.11 2.04
CA LYS A 70 1.33 9.90 1.23
C LYS A 70 2.62 9.78 0.44
N VAL A 71 3.33 8.69 0.64
CA VAL A 71 4.55 8.37 -0.10
C VAL A 71 4.17 7.31 -1.12
N GLU A 72 4.17 7.68 -2.40
CA GLU A 72 3.82 6.77 -3.47
C GLU A 72 5.10 6.25 -4.11
N ILE A 73 5.28 4.94 -4.10
CA ILE A 73 6.48 4.32 -4.64
C ILE A 73 6.08 3.65 -5.95
N ASP A 74 6.71 4.08 -7.04
CA ASP A 74 6.24 3.65 -8.36
C ASP A 74 6.84 2.28 -8.74
N THR A 75 6.31 1.25 -8.08
CA THR A 75 6.79 -0.11 -8.25
C THR A 75 6.54 -0.67 -9.64
N LYS A 76 5.40 -0.34 -10.26
CA LYS A 76 5.10 -0.93 -11.58
C LYS A 76 6.12 -0.44 -12.60
N SER A 77 6.40 0.86 -12.61
CA SER A 77 7.41 1.38 -13.54
C SER A 77 8.76 0.72 -13.30
N TYR A 78 9.11 0.48 -12.03
CA TYR A 78 10.36 -0.22 -11.71
C TYR A 78 10.43 -1.60 -12.34
N TRP A 79 9.43 -2.45 -12.09
CA TRP A 79 9.45 -3.81 -12.62
C TRP A 79 9.35 -3.79 -14.14
N LYS A 80 8.52 -2.90 -14.70
CA LYS A 80 8.37 -2.86 -16.16
C LYS A 80 9.66 -2.40 -16.85
N ALA A 81 10.36 -1.41 -16.27
CA ALA A 81 11.67 -1.04 -16.77
C ALA A 81 12.63 -2.21 -16.80
N LEU A 82 12.42 -3.22 -15.95
CA LEU A 82 13.18 -4.45 -15.97
C LEU A 82 12.46 -5.59 -16.71
N GLY A 83 11.40 -5.29 -17.45
CA GLY A 83 10.74 -6.30 -18.27
C GLY A 83 9.91 -7.33 -17.52
N ILE A 84 9.56 -7.09 -16.26
CA ILE A 84 8.66 -7.95 -15.51
C ILE A 84 7.31 -7.26 -15.46
N SER A 85 6.25 -8.08 -15.49
CA SER A 85 4.88 -7.57 -15.44
C SER A 85 4.37 -7.80 -14.03
N PRO A 86 4.33 -6.78 -13.17
CA PRO A 86 4.02 -7.01 -11.76
C PRO A 86 2.52 -6.83 -11.48
N PHE A 87 2.13 -7.13 -10.25
CA PHE A 87 0.72 -7.08 -9.88
C PHE A 87 0.26 -5.66 -9.55
N HIS A 88 0.99 -4.96 -8.71
CA HIS A 88 0.51 -3.69 -8.18
C HIS A 88 0.83 -2.51 -9.09
N GLU A 89 -0.02 -1.49 -9.03
CA GLU A 89 0.27 -0.25 -9.75
C GLU A 89 1.39 0.53 -9.08
N HIS A 90 1.37 0.59 -7.76
CA HIS A 90 2.38 1.28 -6.97
C HIS A 90 2.15 0.83 -5.54
N ALA A 91 3.03 1.27 -4.64
CA ALA A 91 2.86 1.05 -3.23
C ALA A 91 2.67 2.42 -2.59
N GLU A 92 1.62 2.56 -1.79
CA GLU A 92 1.26 3.81 -1.15
C GLU A 92 1.46 3.64 0.34
N VAL A 93 2.16 4.59 0.96
CA VAL A 93 2.38 4.61 2.40
C VAL A 93 1.81 5.92 2.92
N VAL A 94 0.75 5.85 3.72
CA VAL A 94 0.01 7.04 4.19
C VAL A 94 0.10 7.07 5.71
N PHE A 95 0.49 8.23 6.25
CA PHE A 95 0.75 8.38 7.68
C PHE A 95 0.63 9.84 8.12
N THR A 96 0.26 10.01 9.38
CA THR A 96 0.33 11.32 10.04
C THR A 96 1.75 11.53 10.53
N ALA A 97 2.29 12.71 10.26
CA ALA A 97 3.65 13.04 10.66
C ALA A 97 3.70 14.29 11.54
N ASN A 98 4.61 14.26 12.52
CA ASN A 98 4.99 15.41 13.34
C ASN A 98 3.88 15.90 14.26
N ASP A 99 2.90 15.05 14.59
CA ASP A 99 1.81 15.53 15.42
C ASP A 99 2.18 15.67 16.90
N SER A 100 3.33 15.14 17.33
CA SER A 100 3.84 15.38 18.68
C SER A 100 5.18 16.11 18.63
N GLY A 101 5.37 16.96 17.63
CA GLY A 101 6.64 17.58 17.43
C GLY A 101 7.42 16.91 16.32
N PRO A 102 8.50 17.55 15.89
CA PRO A 102 9.27 17.03 14.74
C PRO A 102 9.89 15.67 15.05
N ARG A 103 9.81 14.77 14.08
CA ARG A 103 10.48 13.47 14.12
C ARG A 103 11.17 13.26 12.78
N ARG A 104 12.08 12.29 12.75
CA ARG A 104 12.70 11.83 11.52
C ARG A 104 12.09 10.48 11.14
N TYR A 105 11.77 10.35 9.86
CA TYR A 105 11.02 9.19 9.36
C TYR A 105 11.84 8.52 8.26
N THR A 106 12.06 7.20 8.40
CA THR A 106 12.53 6.39 7.27
C THR A 106 11.40 5.46 6.85
N ILE A 107 11.01 5.55 5.59
CA ILE A 107 10.01 4.67 5.01
C ILE A 107 10.77 3.64 4.18
N ALA A 108 10.69 2.37 4.57
CA ALA A 108 11.39 1.31 3.88
C ALA A 108 10.38 0.41 3.18
N ALA A 109 10.82 -0.21 2.09
CA ALA A 109 9.99 -1.14 1.36
C ALA A 109 10.85 -2.22 0.71
N LEU A 110 10.33 -3.45 0.69
CA LEU A 110 10.98 -4.59 0.07
C LEU A 110 10.03 -5.12 -0.99
N LEU A 111 10.48 -5.12 -2.22
CA LEU A 111 9.63 -5.39 -3.39
C LEU A 111 9.83 -6.78 -4.00
N SER A 112 8.73 -7.45 -4.33
CA SER A 112 8.67 -8.60 -5.23
C SER A 112 7.58 -8.32 -6.25
N PRO A 113 7.52 -9.06 -7.34
CA PRO A 113 6.52 -8.73 -8.38
C PRO A 113 5.07 -8.81 -7.92
N TYR A 114 4.71 -9.75 -7.04
CA TYR A 114 3.33 -9.89 -6.56
C TYR A 114 3.18 -9.59 -5.07
N SER A 115 4.15 -8.91 -4.45
CA SER A 115 4.12 -8.67 -3.02
C SER A 115 5.06 -7.54 -2.67
N TYR A 116 4.68 -6.76 -1.67
CA TYR A 116 5.64 -5.85 -1.06
C TYR A 116 5.39 -5.75 0.44
N SER A 117 6.45 -5.43 1.17
N SER A 117 6.46 -5.44 1.14
CA SER A 117 6.38 -5.17 2.61
CA SER A 117 6.38 -5.11 2.56
C SER A 117 6.99 -3.82 2.88
C SER A 117 6.83 -3.66 2.71
N THR A 118 6.35 -3.03 3.77
CA THR A 118 6.80 -1.69 4.11
C THR A 118 6.79 -1.54 5.63
N THR A 119 7.76 -0.78 6.12
CA THR A 119 7.86 -0.47 7.54
C THR A 119 8.36 0.95 7.71
N ALA A 120 8.26 1.45 8.91
CA ALA A 120 8.76 2.78 9.24
C ALA A 120 9.68 2.70 10.43
N VAL A 121 10.73 3.51 10.39
CA VAL A 121 11.59 3.79 11.53
C VAL A 121 11.44 5.26 11.87
N VAL A 122 10.97 5.54 13.08
CA VAL A 122 10.65 6.90 13.53
C VAL A 122 11.58 7.20 14.70
N THR A 123 12.37 8.28 14.57
CA THR A 123 13.31 8.68 15.61
C THR A 123 13.06 10.14 16.02
N ASN A 124 13.46 10.44 17.25
CA ASN A 124 13.28 11.80 17.78
C ASN A 124 14.66 12.45 17.85
N PRO A 125 14.93 13.49 17.04
CA PRO A 125 16.26 14.09 17.06
C PRO A 125 16.51 14.91 18.33
N CYS B 10 -16.97 -16.04 -6.17
CA CYS B 10 -16.53 -14.65 -6.14
C CYS B 10 -15.09 -14.57 -6.65
N PRO B 11 -14.81 -13.59 -7.52
CA PRO B 11 -13.47 -13.47 -8.08
C PRO B 11 -12.48 -12.71 -7.19
N LEU B 12 -12.91 -12.14 -6.07
CA LEU B 12 -12.06 -11.28 -5.25
C LEU B 12 -12.32 -11.58 -3.78
N MET B 13 -11.26 -11.91 -3.03
CA MET B 13 -11.33 -12.17 -1.60
C MET B 13 -10.19 -11.43 -0.90
N VAL B 14 -10.45 -10.89 0.30
CA VAL B 14 -9.46 -10.15 1.06
C VAL B 14 -9.26 -10.86 2.38
N LYS B 15 -8.01 -11.05 2.77
CA LYS B 15 -7.66 -11.73 4.01
C LYS B 15 -6.69 -10.84 4.78
N VAL B 16 -6.92 -10.68 6.08
CA VAL B 16 -6.07 -9.83 6.91
C VAL B 16 -5.66 -10.58 8.18
N LEU B 17 -4.36 -10.55 8.48
CA LEU B 17 -3.77 -11.26 9.60
C LEU B 17 -3.04 -10.28 10.53
N ASP B 18 -2.94 -10.65 11.81
CA ASP B 18 -2.35 -9.83 12.87
C ASP B 18 -1.05 -10.51 13.28
N ALA B 19 0.09 -9.85 13.01
CA ALA B 19 1.41 -10.38 13.30
C ALA B 19 1.85 -10.19 14.74
N VAL B 20 1.09 -9.41 15.52
CA VAL B 20 1.41 -9.22 16.93
C VAL B 20 0.81 -10.34 17.77
N ARG B 21 -0.44 -10.69 17.48
CA ARG B 21 -1.11 -11.75 18.21
C ARG B 21 -1.13 -13.10 17.51
N GLY B 22 -0.66 -13.17 16.26
CA GLY B 22 -0.69 -14.46 15.57
C GLY B 22 -2.10 -14.95 15.32
N SER B 23 -2.93 -14.09 14.76
CA SER B 23 -4.35 -14.41 14.68
C SER B 23 -4.91 -13.75 13.43
N PRO B 24 -6.08 -14.16 12.98
CA PRO B 24 -6.81 -13.35 12.02
C PRO B 24 -7.06 -11.98 12.59
N ALA B 25 -7.15 -10.98 11.70
CA ALA B 25 -7.57 -9.63 12.10
C ALA B 25 -9.06 -9.51 11.83
N ILE B 26 -9.84 -9.49 12.91
CA ILE B 26 -11.30 -9.62 12.84
C ILE B 26 -11.95 -8.25 12.87
N ASN B 27 -13.06 -8.11 12.13
CA ASN B 27 -13.86 -6.90 12.13
C ASN B 27 -13.10 -5.70 11.56
N VAL B 28 -12.19 -5.94 10.62
CA VAL B 28 -11.46 -4.87 9.94
C VAL B 28 -12.30 -4.38 8.76
N ALA B 29 -12.51 -3.07 8.66
CA ALA B 29 -13.25 -2.53 7.54
C ALA B 29 -12.39 -2.50 6.30
N VAL B 30 -12.99 -2.90 5.19
CA VAL B 30 -12.36 -2.97 3.89
C VAL B 30 -13.26 -2.29 2.89
N HIS B 31 -12.71 -1.34 2.13
CA HIS B 31 -13.42 -0.67 1.05
C HIS B 31 -12.70 -0.87 -0.27
N VAL B 32 -13.47 -1.23 -1.28
CA VAL B 32 -12.97 -1.44 -2.64
C VAL B 32 -13.53 -0.36 -3.53
N PHE B 33 -12.68 0.15 -4.41
CA PHE B 33 -12.99 1.23 -5.34
C PHE B 33 -12.53 0.80 -6.72
N ARG B 34 -13.21 1.33 -7.75
CA ARG B 34 -12.79 1.13 -9.13
C ARG B 34 -12.49 2.50 -9.74
N LYS B 35 -11.39 2.57 -10.49
CA LYS B 35 -11.02 3.84 -11.12
C LYS B 35 -11.96 4.15 -12.27
N ALA B 36 -12.55 5.33 -12.24
CA ALA B 36 -13.49 5.78 -13.28
C ALA B 36 -12.72 6.47 -14.41
N ALA B 37 -13.45 6.77 -15.49
CA ALA B 37 -12.81 7.35 -16.67
C ALA B 37 -12.20 8.71 -16.38
N ASP B 38 -12.76 9.46 -15.43
CA ASP B 38 -12.21 10.75 -15.05
C ASP B 38 -11.10 10.65 -14.00
N ASP B 39 -10.57 9.45 -13.75
CA ASP B 39 -9.45 9.22 -12.84
C ASP B 39 -9.81 9.36 -11.36
N THR B 40 -11.09 9.43 -11.02
CA THR B 40 -11.47 9.38 -9.61
C THR B 40 -11.77 7.95 -9.20
N TRP B 41 -11.82 7.74 -7.88
CA TRP B 41 -12.10 6.43 -7.30
C TRP B 41 -13.59 6.36 -6.95
N GLU B 42 -14.29 5.46 -7.60
CA GLU B 42 -15.70 5.19 -7.39
C GLU B 42 -15.90 4.02 -6.43
N PRO B 43 -16.69 4.17 -5.38
CA PRO B 43 -16.99 3.04 -4.50
C PRO B 43 -17.52 1.86 -5.30
N PHE B 44 -17.08 0.66 -4.91
CA PHE B 44 -17.36 -0.57 -5.64
C PHE B 44 -17.94 -1.65 -4.74
N ALA B 45 -17.37 -1.85 -3.55
CA ALA B 45 -17.84 -2.87 -2.62
C ALA B 45 -17.13 -2.64 -1.28
N SER B 46 -17.73 -3.15 -0.21
CA SER B 46 -17.11 -3.01 1.10
C SER B 46 -17.67 -4.05 2.07
N GLY B 47 -16.98 -4.20 3.20
CA GLY B 47 -17.41 -5.12 4.22
C GLY B 47 -16.43 -5.11 5.37
N LYS B 48 -16.64 -6.02 6.32
CA LYS B 48 -15.74 -6.21 7.45
C LYS B 48 -15.23 -7.64 7.46
N THR B 49 -13.95 -7.84 7.81
CA THR B 49 -13.44 -9.20 7.89
C THR B 49 -14.18 -10.00 8.96
N SER B 50 -14.34 -11.28 8.67
CA SER B 50 -15.02 -12.23 9.55
C SER B 50 -14.09 -12.71 10.66
N GLU B 51 -14.57 -13.67 11.46
N GLU B 51 -14.57 -13.67 11.46
CA GLU B 51 -13.75 -14.25 12.53
CA GLU B 51 -13.78 -14.27 12.52
C GLU B 51 -12.54 -14.99 12.00
C GLU B 51 -12.54 -14.99 12.00
N SER B 52 -12.51 -15.35 10.72
CA SER B 52 -11.36 -15.98 10.11
C SER B 52 -10.42 -14.96 9.47
N GLY B 53 -10.71 -13.67 9.63
CA GLY B 53 -9.92 -12.64 8.98
C GLY B 53 -10.22 -12.45 7.52
N GLU B 54 -11.27 -13.10 6.98
CA GLU B 54 -11.55 -13.12 5.57
C GLU B 54 -12.82 -12.33 5.24
N LEU B 55 -12.85 -11.77 4.04
CA LEU B 55 -14.00 -11.03 3.55
C LEU B 55 -14.35 -11.60 2.18
N HIS B 56 -15.45 -12.35 2.13
CA HIS B 56 -15.94 -13.02 0.95
C HIS B 56 -17.16 -12.28 0.41
N GLY B 57 -17.48 -12.59 -0.84
CA GLY B 57 -18.72 -12.09 -1.43
C GLY B 57 -18.72 -10.64 -1.83
N LEU B 58 -17.56 -10.03 -1.97
CA LEU B 58 -17.49 -8.62 -2.34
C LEU B 58 -18.12 -8.33 -3.70
N THR B 59 -18.00 -9.25 -4.65
CA THR B 59 -18.41 -8.98 -6.02
C THR B 59 -18.73 -10.28 -6.74
N THR B 60 -19.05 -10.15 -8.03
CA THR B 60 -19.40 -11.26 -8.89
C THR B 60 -18.53 -11.20 -10.14
N GLU B 61 -18.45 -12.34 -10.83
CA GLU B 61 -17.73 -12.37 -12.10
C GLU B 61 -18.27 -11.33 -13.08
N GLU B 62 -19.59 -11.19 -13.17
CA GLU B 62 -20.17 -10.26 -14.14
C GLU B 62 -19.77 -8.81 -13.84
N GLU B 63 -19.70 -8.44 -12.56
N GLU B 63 -19.69 -8.45 -12.56
CA GLU B 63 -19.42 -7.05 -12.21
CA GLU B 63 -19.42 -7.06 -12.19
C GLU B 63 -17.92 -6.73 -12.21
C GLU B 63 -17.93 -6.74 -12.20
N PHE B 64 -17.07 -7.74 -11.96
CA PHE B 64 -15.63 -7.53 -11.79
C PHE B 64 -14.92 -7.51 -13.15
N VAL B 65 -15.17 -6.45 -13.93
CA VAL B 65 -14.58 -6.31 -15.24
C VAL B 65 -13.14 -5.82 -15.12
N GLU B 66 -12.40 -5.90 -16.23
CA GLU B 66 -11.06 -5.37 -16.27
C GLU B 66 -11.05 -3.90 -15.88
N GLY B 67 -9.98 -3.50 -15.21
CA GLY B 67 -9.86 -2.11 -14.80
C GLY B 67 -8.90 -2.05 -13.63
N ILE B 68 -8.74 -0.85 -13.11
CA ILE B 68 -7.87 -0.59 -11.96
C ILE B 68 -8.73 -0.49 -10.71
N TYR B 69 -8.35 -1.23 -9.67
CA TYR B 69 -9.08 -1.33 -8.41
C TYR B 69 -8.15 -0.96 -7.27
N LYS B 70 -8.77 -0.44 -6.21
CA LYS B 70 -8.09 -0.09 -4.96
C LYS B 70 -8.82 -0.75 -3.81
N VAL B 71 -8.07 -1.52 -3.01
CA VAL B 71 -8.55 -2.12 -1.78
C VAL B 71 -7.92 -1.34 -0.63
N GLU B 72 -8.76 -0.65 0.14
CA GLU B 72 -8.33 0.12 1.30
C GLU B 72 -8.71 -0.64 2.58
N ILE B 73 -7.73 -0.90 3.43
CA ILE B 73 -7.92 -1.68 4.65
C ILE B 73 -7.74 -0.71 5.83
N ASP B 74 -8.76 -0.60 6.69
N ASP B 74 -8.74 -0.60 6.70
CA ASP B 74 -8.75 0.37 7.81
CA ASP B 74 -8.72 0.42 7.76
C ASP B 74 -7.93 -0.19 8.97
C ASP B 74 -7.94 -0.09 8.96
N THR B 75 -6.61 -0.18 8.78
CA THR B 75 -5.69 -0.69 9.78
C THR B 75 -5.63 0.19 11.02
N LYS B 76 -5.74 1.51 10.88
CA LYS B 76 -5.65 2.40 12.05
C LYS B 76 -6.73 2.09 13.08
N SER B 77 -7.99 1.96 12.64
CA SER B 77 -9.10 1.64 13.56
C SER B 77 -8.89 0.29 14.25
N TYR B 78 -8.33 -0.68 13.53
CA TYR B 78 -8.06 -2.00 14.10
C TYR B 78 -7.12 -1.88 15.29
N TRP B 79 -5.96 -1.22 15.10
CA TRP B 79 -4.99 -1.10 16.18
C TRP B 79 -5.55 -0.24 17.31
N LYS B 80 -6.26 0.85 16.99
CA LYS B 80 -6.79 1.70 18.05
C LYS B 80 -7.77 0.95 18.93
N ALA B 81 -8.53 0.02 18.35
CA ALA B 81 -9.46 -0.76 19.15
C ALA B 81 -8.76 -1.72 20.10
N LEU B 82 -7.50 -2.06 19.82
CA LEU B 82 -6.70 -2.89 20.68
C LEU B 82 -5.89 -2.07 21.67
N GLY B 83 -6.06 -0.75 21.68
CA GLY B 83 -5.29 0.09 22.57
C GLY B 83 -3.87 0.35 22.13
N ILE B 84 -3.57 0.19 20.84
CA ILE B 84 -2.23 0.34 20.30
C ILE B 84 -2.23 1.51 19.32
N SER B 85 -1.20 2.34 19.39
CA SER B 85 -1.09 3.50 18.51
C SER B 85 -0.29 3.08 17.28
N PRO B 86 -0.89 3.10 16.08
CA PRO B 86 -0.16 2.62 14.89
C PRO B 86 0.39 3.74 14.02
N PHE B 87 1.20 3.36 13.03
CA PHE B 87 1.86 4.33 12.16
C PHE B 87 1.00 4.77 10.99
N HIS B 88 0.36 3.82 10.29
CA HIS B 88 -0.31 4.12 9.03
C HIS B 88 -1.76 4.54 9.26
N GLU B 89 -2.22 5.41 8.36
CA GLU B 89 -3.64 5.76 8.34
C GLU B 89 -4.50 4.59 7.87
N HIS B 90 -4.01 3.85 6.89
CA HIS B 90 -4.65 2.66 6.34
C HIS B 90 -3.60 1.97 5.48
N ALA B 91 -3.97 0.81 4.94
CA ALA B 91 -3.16 0.11 3.94
C ALA B 91 -3.98 0.10 2.66
N GLU B 92 -3.35 0.44 1.53
CA GLU B 92 -4.02 0.52 0.23
C GLU B 92 -3.33 -0.43 -0.72
N VAL B 93 -4.10 -1.21 -1.47
CA VAL B 93 -3.55 -2.13 -2.47
C VAL B 93 -4.19 -1.79 -3.80
N VAL B 94 -3.39 -1.37 -4.78
CA VAL B 94 -3.89 -0.89 -6.07
C VAL B 94 -3.35 -1.78 -7.17
N PHE B 95 -4.24 -2.28 -8.03
CA PHE B 95 -3.84 -3.29 -9.01
C PHE B 95 -4.80 -3.26 -10.19
N THR B 96 -4.35 -3.82 -11.31
CA THR B 96 -5.20 -3.99 -12.49
C THR B 96 -5.74 -5.42 -12.54
N ALA B 97 -7.05 -5.57 -12.72
CA ALA B 97 -7.65 -6.86 -13.02
C ALA B 97 -7.53 -7.14 -14.52
N ASN B 98 -6.94 -8.30 -14.81
N ASN B 98 -6.95 -8.30 -14.81
CA ASN B 98 -6.75 -8.76 -16.18
CA ASN B 98 -6.70 -8.70 -16.18
C ASN B 98 -7.47 -10.08 -16.46
C ASN B 98 -7.37 -10.05 -16.49
N ASP B 99 -8.27 -10.11 -17.51
N ASP B 99 -8.15 -10.11 -17.57
CA ASP B 99 -8.98 -11.31 -17.93
CA ASP B 99 -8.96 -11.30 -17.88
C ASP B 99 -8.08 -12.47 -18.37
C ASP B 99 -8.25 -12.57 -18.37
N SER B 100 -6.94 -12.13 -18.96
N SER B 100 -7.13 -12.45 -19.05
CA SER B 100 -6.01 -13.13 -19.48
CA SER B 100 -6.47 -13.60 -19.71
C SER B 100 -5.53 -14.00 -18.33
C SER B 100 -6.45 -14.87 -18.85
N GLY B 101 -5.36 -13.37 -17.18
N GLY B 101 -7.26 -15.90 -19.18
CA GLY B 101 -4.77 -13.98 -16.01
CA GLY B 101 -7.48 -16.96 -18.21
C GLY B 101 -5.69 -14.98 -15.35
C GLY B 101 -8.69 -16.67 -17.33
N PRO B 102 -5.18 -15.70 -14.36
N PRO B 102 -9.27 -17.70 -16.74
CA PRO B 102 -6.06 -16.60 -13.60
CA PRO B 102 -10.08 -17.48 -15.53
C PRO B 102 -7.24 -15.79 -13.06
C PRO B 102 -9.20 -17.09 -14.32
N ARG B 103 -8.29 -16.49 -12.67
N ARG B 103 -9.58 -16.03 -13.59
CA ARG B 103 -9.59 -15.86 -12.47
CA ARG B 103 -8.80 -15.55 -12.44
C ARG B 103 -9.80 -15.35 -11.04
C ARG B 103 -9.67 -15.47 -11.19
N ARG B 104 -9.12 -15.96 -10.08
CA ARG B 104 -9.52 -15.61 -8.74
C ARG B 104 -8.39 -14.91 -8.00
N TYR B 105 -8.72 -13.78 -7.37
CA TYR B 105 -7.72 -12.91 -6.76
C TYR B 105 -7.89 -12.95 -5.25
N THR B 106 -6.84 -13.32 -4.53
CA THR B 106 -6.80 -13.17 -3.08
C THR B 106 -5.79 -12.07 -2.78
N ILE B 107 -6.24 -11.05 -2.06
CA ILE B 107 -5.41 -9.97 -1.58
C ILE B 107 -5.22 -10.23 -0.09
N ALA B 108 -4.00 -10.55 0.34
CA ALA B 108 -3.71 -10.82 1.73
C ALA B 108 -2.87 -9.68 2.28
N ALA B 109 -3.12 -9.33 3.52
CA ALA B 109 -2.32 -8.34 4.21
C ALA B 109 -1.97 -8.85 5.61
N LEU B 110 -0.72 -8.64 6.01
CA LEU B 110 -0.22 -9.03 7.31
C LEU B 110 0.19 -7.75 8.04
N LEU B 111 -0.42 -7.50 9.19
CA LEU B 111 -0.34 -6.21 9.87
C LEU B 111 0.51 -6.25 11.14
N SER B 112 1.35 -5.24 11.30
CA SER B 112 2.00 -4.90 12.56
C SER B 112 1.79 -3.40 12.79
N PRO B 113 2.04 -2.91 14.02
CA PRO B 113 1.73 -1.49 14.29
C PRO B 113 2.47 -0.51 13.40
N TYR B 114 3.72 -0.81 13.02
CA TYR B 114 4.52 0.07 12.18
C TYR B 114 4.85 -0.52 10.81
N SER B 115 4.16 -1.57 10.40
N SER B 115 4.22 -1.62 10.43
CA SER B 115 4.57 -2.28 9.20
CA SER B 115 4.53 -2.26 9.17
C SER B 115 3.37 -3.07 8.66
C SER B 115 3.31 -2.98 8.64
N TYR B 116 3.32 -3.21 7.33
CA TYR B 116 2.42 -4.19 6.76
C TYR B 116 3.03 -4.77 5.51
N SER B 117 2.62 -5.99 5.22
N SER B 117 2.57 -5.98 5.16
CA SER B 117 2.96 -6.62 3.96
CA SER B 117 3.05 -6.70 3.99
C SER B 117 1.67 -6.96 3.24
C SER B 117 1.83 -7.25 3.26
N THR B 118 1.78 -7.05 1.94
CA THR B 118 0.63 -7.46 1.15
C THR B 118 1.09 -8.30 -0.02
N THR B 119 0.24 -9.25 -0.37
N THR B 119 0.36 -9.37 -0.31
CA THR B 119 0.54 -10.25 -1.36
CA THR B 119 0.65 -10.18 -1.48
C THR B 119 -0.72 -10.51 -2.17
C THR B 119 -0.66 -10.53 -2.16
N ALA B 120 -0.55 -10.86 -3.44
CA ALA B 120 -1.65 -11.29 -4.28
C ALA B 120 -1.44 -12.75 -4.65
N VAL B 121 -2.47 -13.55 -4.46
CA VAL B 121 -2.49 -14.94 -4.91
C VAL B 121 -3.57 -15.01 -6.00
N VAL B 122 -3.14 -15.23 -7.24
CA VAL B 122 -4.04 -15.21 -8.38
C VAL B 122 -4.05 -16.61 -8.97
N THR B 123 -5.22 -17.26 -8.93
CA THR B 123 -5.31 -18.68 -9.29
C THR B 123 -6.54 -18.97 -10.13
N ASN B 124 -6.60 -20.21 -10.62
CA ASN B 124 -7.78 -20.75 -11.27
C ASN B 124 -8.53 -21.67 -10.30
O10 6J1 C . 20.10 -2.32 4.57
O10 6J1 C . 12.68 -8.44 5.02
C01 6J1 C . 14.91 -4.35 6.86
C01 6J1 C . 14.25 -2.88 3.52
C02 6J1 C . 15.88 -3.29 6.42
C02 6J1 C . 13.28 -3.90 4.06
C03 6J1 C . 15.62 -1.96 6.67
C03 6J1 C . 11.95 -3.56 4.20
C04 6J1 C . 16.52 -0.97 6.26
C04 6J1 C . 11.05 -4.49 4.71
C05 6J1 C . 17.70 -1.30 5.60
C05 6J1 C . 11.45 -5.78 5.09
C06 6J1 C . 17.95 -2.65 5.34
C06 6J1 C . 12.80 -6.11 4.95
C07 6J1 C . 17.06 -3.64 5.75
C07 6J1 C . 13.72 -5.18 4.43
N08 6J1 C . 19.17 -3.09 4.65
N08 6J1 C . 13.32 -7.46 5.34
O09 6J1 C . 19.18 -4.19 4.15
O09 6J1 C . 14.35 -7.54 5.99
O11 6J1 C . 18.60 -0.38 5.18
O11 6J1 C . 10.59 -6.71 5.58
N12 6J1 C . 16.18 0.45 6.57
N12 6J1 C . 9.65 -4.02 4.82
O13 6J1 C . 15.27 0.68 7.34
O13 6J1 C . 9.40 -2.88 4.57
O14 6J1 C . 16.82 1.32 6.03
O14 6J1 C . 8.84 -4.81 5.24
H011 6J1 C . 15.05 -4.59 7.79
H011 6J1 C . 14.24 -2.87 2.55
H013 6J1 C . 14.98 -5.16 6.34
H013 6J1 C . 15.16 -3.04 3.79
H012 6J1 C . 13.99 -4.04 6.78
H012 6J1 C . 14.03 -1.99 3.80
H031 6J1 C . 14.84 -1.72 7.12
H031 6J1 C . 11.67 -2.71 3.96
H071 6J1 C . 17.25 -4.53 5.57
H071 6J1 C . 14.61 -5.41 4.35
H111 6J1 C . 18.60 0.25 5.76
H111 6J1 C . 10.91 -6.98 6.32
NA NA D . -0.13 17.65 18.44
O10 6J1 E . 4.70 -13.31 6.42
O10 6J1 E . -2.52 -18.38 6.02
C01 6J1 E . -0.42 -15.38 4.18
C01 6J1 E . 1.20 -14.15 4.06
C02 6J1 E . 0.72 -14.42 4.27
C02 6J1 E . -0.01 -15.03 4.01
C03 6J1 E . 0.65 -13.18 3.61
C03 6J1 E . -0.83 -15.04 2.89
C04 6J1 E . 1.72 -12.30 3.70
C04 6J1 E . -1.96 -15.85 2.87
C05 6J1 E . 2.87 -12.60 4.43
C05 6J1 E . -2.29 -16.67 3.93
C06 6J1 E . 2.93 -13.84 5.07
C06 6J1 E . -1.45 -16.65 5.04
C07 6J1 E . 1.87 -14.74 5.00
C07 6J1 E . -0.33 -15.85 5.09
N08 6J1 E . 4.12 -14.20 5.86
N08 6J1 E . -1.74 -17.47 6.17
O09 6J1 E . 4.45 -15.35 5.90
O09 6J1 E . -1.19 -17.20 7.22
O11 6J1 E . 3.93 -11.77 4.52
O11 6J1 E . -3.37 -17.49 3.95
N12 6J1 E . 1.59 -11.00 2.97
N12 6J1 E . -2.81 -15.84 1.66
O13 6J1 E . 0.49 -10.59 2.72
O13 6J1 E . -2.47 -15.17 0.72
O14 6J1 E . 2.59 -10.42 2.67
O14 6J1 E . -3.81 -16.51 1.69
H011 6J1 E . -1.11 -15.18 4.84
H011 6J1 E . 1.02 -13.31 4.52
H013 6J1 E . -0.17 -16.30 4.33
H013 6J1 E . 1.53 -13.93 3.18
H012 6J1 E . -0.86 -15.37 3.31
H012 6J1 E . 1.94 -14.57 4.53
H031 6J1 E . -0.11 -12.97 3.13
H031 6J1 E . -0.63 -14.49 2.17
H071 6J1 E . 1.92 -15.56 5.45
H071 6J1 E . 0.21 -15.85 5.84
H111 6J1 E . 4.04 -11.39 3.78
H111 6J1 E . -3.11 -18.25 4.20
#